data_1O9B
#
_entry.id   1O9B
#
_cell.length_a   157.874
_cell.length_b   157.874
_cell.length_c   40.011
_cell.angle_alpha   90.00
_cell.angle_beta   90.00
_cell.angle_gamma   120.00
#
_symmetry.space_group_name_H-M   'P 64'
#
loop_
_entity.id
_entity.type
_entity.pdbx_description
1 polymer 'HYPOTHETICAL SHIKIMATE 5-DEHYDROGENASE-LIKE PROTEIN YDIB'
2 non-polymer '1,4-DIHYDRONICOTINAMIDE ADENINE DINUCLEOTIDE'
3 non-polymer 'PHOSPHATE ION'
4 water water
#
_entity_poly.entity_id   1
_entity_poly.type   'polypeptide(L)'
_entity_poly.pdbx_seq_one_letter_code
;(MSE)DVTAKYELIGL(MSE)AYPIRHSLSPE(MSE)QNKALEKAGLPFTY(MSE)AFEVDNDSFPGAIEGLKALK
(MSE)RGTGVS(MSE)PNKQLACEYVDELTPAAKLVGAINTIVNDDGYLRGYNTDGTGHIRAIKESGFDIKGKT(MSE)V
LLGAGGASTAIGAQGAIEGLKEIKLFNRRDEFFDKALAFAQRVNENTDCVVTVTDLADQQAFAEALASADILTNGTKVG
(MSE)KPLENESLVNDISLLHPGLLVTECVYNPH(MSE)TKLLQQAQQAGCKTIDGYG(MSE)LLWQGAEQFTLWTGKDF
PLEYVKQV(MSE)GFGA
;
_entity_poly.pdbx_strand_id   A,B
#
loop_
_chem_comp.id
_chem_comp.type
_chem_comp.name
_chem_comp.formula
NAI non-polymer '1,4-DIHYDRONICOTINAMIDE ADENINE DINUCLEOTIDE' 'C21 H29 N7 O14 P2'
PO4 non-polymer 'PHOSPHATE ION' 'O4 P -3'
#
# COMPACT_ATOMS: atom_id res chain seq x y z
N TYR A 7 -1.32 9.53 5.11
CA TYR A 7 -2.22 8.44 4.66
C TYR A 7 -1.48 7.11 4.55
N GLU A 8 -1.52 6.32 5.61
CA GLU A 8 -0.84 5.03 5.62
C GLU A 8 -1.66 3.85 5.06
N LEU A 9 -0.95 2.78 4.68
CA LEU A 9 -1.54 1.56 4.11
C LEU A 9 -1.66 0.40 5.09
N ILE A 10 -2.80 -0.26 5.08
CA ILE A 10 -3.02 -1.43 5.93
C ILE A 10 -3.35 -2.51 4.90
N GLY A 11 -2.68 -3.65 5.00
CA GLY A 11 -2.90 -4.71 4.03
C GLY A 11 -3.58 -5.98 4.51
N LEU A 12 -3.71 -6.93 3.59
CA LEU A 12 -4.28 -8.24 3.87
C LEU A 12 -3.33 -9.12 3.07
N MSE A 13 -2.65 -10.05 3.74
CA MSE A 13 -1.72 -10.92 3.05
C MSE A 13 -2.24 -12.33 3.04
O MSE A 13 -2.22 -13.01 4.05
CB MSE A 13 -0.37 -10.88 3.72
CG MSE A 13 0.29 -9.55 3.58
SE MSE A 13 1.98 -9.52 4.49
CE MSE A 13 2.24 -7.60 4.53
N ALA A 14 -2.73 -12.76 1.88
CA ALA A 14 -3.28 -14.10 1.78
C ALA A 14 -3.37 -14.54 0.33
N TYR A 15 -3.80 -15.78 0.13
CA TYR A 15 -3.99 -16.36 -1.20
C TYR A 15 -4.88 -17.55 -0.98
N PRO A 16 -6.12 -17.51 -1.51
CA PRO A 16 -6.78 -16.40 -2.22
C PRO A 16 -7.33 -15.26 -1.36
N ILE A 17 -7.87 -14.23 -2.02
CA ILE A 17 -8.42 -13.06 -1.32
C ILE A 17 -9.77 -12.59 -1.87
N ARG A 18 -10.16 -13.12 -3.01
CA ARG A 18 -11.44 -12.79 -3.67
C ARG A 18 -12.62 -12.84 -2.69
N HIS A 19 -12.53 -13.76 -1.74
CA HIS A 19 -13.55 -14.01 -0.73
C HIS A 19 -13.70 -13.00 0.41
N SER A 20 -12.58 -12.43 0.85
CA SER A 20 -12.58 -11.54 1.99
C SER A 20 -13.60 -10.41 2.08
N LEU A 21 -14.19 -10.25 3.26
CA LEU A 21 -15.14 -9.18 3.51
C LEU A 21 -14.41 -8.07 4.25
N SER A 22 -13.14 -8.30 4.57
CA SER A 22 -12.36 -7.32 5.34
C SER A 22 -12.13 -6.01 4.63
N PRO A 23 -11.73 -6.05 3.36
CA PRO A 23 -11.50 -4.79 2.65
C PRO A 23 -12.70 -3.82 2.71
N GLU A 24 -13.88 -4.26 2.29
CA GLU A 24 -15.08 -3.40 2.33
C GLU A 24 -15.42 -2.97 3.76
N MSE A 25 -15.30 -3.91 4.68
CA MSE A 25 -15.60 -3.65 6.08
C MSE A 25 -14.65 -2.59 6.68
O MSE A 25 -15.12 -1.64 7.30
CB MSE A 25 -15.51 -4.94 6.88
CG MSE A 25 -16.31 -4.94 8.16
SE MSE A 25 -16.32 -6.72 8.93
CE MSE A 25 -16.85 -7.72 7.38
N GLN A 26 -13.34 -2.76 6.51
CA GLN A 26 -12.40 -1.82 7.08
C GLN A 26 -12.42 -0.47 6.37
N ASN A 27 -12.47 -0.50 5.05
CA ASN A 27 -12.50 0.74 4.29
C ASN A 27 -13.70 1.58 4.64
N LYS A 28 -14.84 0.93 4.93
CA LYS A 28 -16.03 1.68 5.29
C LYS A 28 -15.99 2.26 6.69
N ALA A 29 -15.34 1.59 7.62
CA ALA A 29 -15.25 2.11 8.97
C ALA A 29 -14.26 3.28 8.93
N LEU A 30 -13.24 3.13 8.11
CA LEU A 30 -12.19 4.14 7.98
C LEU A 30 -12.74 5.46 7.45
N GLU A 31 -13.55 5.39 6.41
CA GLU A 31 -14.14 6.58 5.82
C GLU A 31 -15.12 7.30 6.76
N LYS A 32 -16.13 6.59 7.26
CA LYS A 32 -17.08 7.22 8.16
C LYS A 32 -16.46 7.52 9.51
N ALA A 33 -15.27 8.09 9.48
CA ALA A 33 -14.58 8.42 10.70
C ALA A 33 -13.43 9.27 10.25
N GLY A 34 -13.40 9.48 8.93
CA GLY A 34 -12.36 10.28 8.31
C GLY A 34 -10.95 9.96 8.76
N LEU A 35 -10.64 8.69 8.92
CA LEU A 35 -9.27 8.35 9.32
C LEU A 35 -8.44 8.22 8.04
N PRO A 36 -7.18 8.62 8.11
CA PRO A 36 -6.24 8.56 6.99
C PRO A 36 -5.57 7.20 6.81
N PHE A 37 -6.38 6.19 6.49
CA PHE A 37 -5.84 4.87 6.27
C PHE A 37 -6.60 4.25 5.11
N THR A 38 -5.93 3.37 4.37
CA THR A 38 -6.57 2.65 3.27
C THR A 38 -6.25 1.17 3.49
N TYR A 39 -7.18 0.31 3.15
CA TYR A 39 -7.00 -1.12 3.33
C TYR A 39 -6.99 -1.75 1.97
N MSE A 40 -5.95 -2.51 1.68
CA MSE A 40 -5.84 -3.18 0.40
C MSE A 40 -5.40 -4.62 0.55
O MSE A 40 -4.47 -4.92 1.32
CB MSE A 40 -4.84 -2.47 -0.49
CG MSE A 40 -5.21 -1.05 -0.87
SE MSE A 40 -4.00 -0.46 -2.24
CE MSE A 40 -4.47 -1.83 -3.51
N ALA A 41 -6.03 -5.51 -0.19
CA ALA A 41 -5.66 -6.91 -0.15
C ALA A 41 -4.54 -7.14 -1.16
N PHE A 42 -3.69 -8.13 -0.87
CA PHE A 42 -2.56 -8.49 -1.70
C PHE A 42 -2.44 -10.01 -1.78
N GLU A 43 -2.20 -10.53 -2.98
CA GLU A 43 -2.02 -11.97 -3.15
C GLU A 43 -0.63 -12.43 -2.63
N VAL A 44 -0.61 -13.08 -1.47
CA VAL A 44 0.63 -13.53 -0.84
C VAL A 44 0.63 -14.89 -0.17
N ASP A 45 1.42 -15.82 -0.71
CA ASP A 45 1.51 -17.14 -0.13
C ASP A 45 2.74 -17.24 0.71
N ASN A 46 3.06 -18.45 1.16
CA ASN A 46 4.25 -18.64 1.99
C ASN A 46 5.61 -18.23 1.36
N ASP A 47 5.76 -18.45 0.06
CA ASP A 47 7.00 -18.13 -0.61
C ASP A 47 7.29 -16.64 -0.69
N SER A 48 6.24 -15.83 -0.83
CA SER A 48 6.43 -14.38 -0.93
C SER A 48 6.19 -13.65 0.36
N PHE A 49 5.71 -14.35 1.37
CA PHE A 49 5.40 -13.71 2.65
C PHE A 49 6.57 -13.00 3.30
N PRO A 50 7.76 -13.64 3.33
CA PRO A 50 8.91 -12.98 3.96
C PRO A 50 9.24 -11.70 3.23
N GLY A 51 9.15 -11.77 1.90
CA GLY A 51 9.41 -10.59 1.10
C GLY A 51 8.37 -9.53 1.43
N ALA A 52 7.10 -9.94 1.57
CA ALA A 52 6.01 -9.02 1.88
C ALA A 52 6.18 -8.33 3.22
N ILE A 53 6.61 -9.08 4.24
CA ILE A 53 6.84 -8.51 5.56
C ILE A 53 7.95 -7.46 5.44
N GLU A 54 8.96 -7.77 4.62
CA GLU A 54 10.06 -6.86 4.34
C GLU A 54 9.47 -5.55 3.81
N GLY A 55 8.56 -5.65 2.85
CA GLY A 55 7.95 -4.47 2.30
C GLY A 55 7.11 -3.70 3.31
N LEU A 56 6.44 -4.41 4.22
CA LEU A 56 5.62 -3.78 5.23
C LEU A 56 6.47 -2.85 6.10
N LYS A 57 7.70 -3.25 6.39
CA LYS A 57 8.57 -2.42 7.19
C LYS A 57 9.17 -1.26 6.38
N ALA A 58 9.79 -1.58 5.25
CA ALA A 58 10.42 -0.57 4.41
C ALA A 58 9.48 0.52 3.92
N LEU A 59 8.26 0.13 3.61
CA LEU A 59 7.23 1.03 3.09
C LEU A 59 6.52 1.76 4.23
N LYS A 60 6.79 1.32 5.46
CA LYS A 60 6.16 1.87 6.66
C LYS A 60 4.64 1.77 6.63
N MSE A 61 4.14 0.56 6.40
CA MSE A 61 2.70 0.31 6.39
C MSE A 61 2.26 0.27 7.85
O MSE A 61 3.07 -0.01 8.74
CB MSE A 61 2.35 -1.05 5.74
CG MSE A 61 2.76 -1.21 4.24
SE MSE A 61 2.17 -2.88 3.41
CE MSE A 61 3.75 -3.49 2.63
N ARG A 62 0.99 0.53 8.12
CA ARG A 62 0.49 0.51 9.48
C ARG A 62 0.38 -0.94 9.99
N GLY A 63 -0.01 -1.83 9.10
CA GLY A 63 -0.13 -3.20 9.52
C GLY A 63 -0.78 -3.97 8.40
N THR A 64 -1.12 -5.22 8.68
CA THR A 64 -1.78 -6.01 7.66
C THR A 64 -2.54 -7.12 8.32
N GLY A 65 -3.63 -7.49 7.70
CA GLY A 65 -4.41 -8.59 8.22
C GLY A 65 -3.69 -9.79 7.61
N VAL A 66 -3.75 -10.93 8.30
CA VAL A 66 -3.12 -12.15 7.81
C VAL A 66 -4.15 -13.27 7.77
N SER A 67 -4.18 -14.02 6.69
CA SER A 67 -5.11 -15.13 6.57
C SER A 67 -4.41 -16.28 5.85
N MSE A 68 -5.16 -17.28 5.48
CA MSE A 68 -4.62 -18.43 4.82
C MSE A 68 -3.76 -18.04 3.64
O MSE A 68 -4.15 -17.20 2.86
CB MSE A 68 -5.76 -19.33 4.33
CG MSE A 68 -5.72 -20.64 5.01
SE MSE A 68 -7.22 -21.52 4.37
CE MSE A 68 -6.57 -22.10 2.63
N PRO A 69 -2.59 -18.69 3.49
CA PRO A 69 -2.08 -19.76 4.33
C PRO A 69 -0.92 -19.35 5.21
N ASN A 70 -0.92 -18.09 5.62
CA ASN A 70 0.20 -17.54 6.38
C ASN A 70 0.01 -17.30 7.87
N LYS A 71 -1.13 -17.70 8.42
CA LYS A 71 -1.37 -17.42 9.82
C LYS A 71 -0.37 -18.04 10.79
N GLN A 72 0.08 -19.25 10.48
CA GLN A 72 1.07 -19.89 11.35
C GLN A 72 2.46 -19.34 11.06
N LEU A 73 2.81 -19.26 9.78
CA LEU A 73 4.13 -18.75 9.37
C LEU A 73 4.40 -17.33 9.83
N ALA A 74 3.35 -16.52 9.91
CA ALA A 74 3.48 -15.12 10.32
C ALA A 74 3.98 -15.01 11.75
N CYS A 75 3.85 -16.10 12.47
CA CYS A 75 4.30 -16.12 13.85
C CYS A 75 5.80 -15.88 13.94
N GLU A 76 6.53 -16.40 12.96
CA GLU A 76 7.98 -16.26 12.94
C GLU A 76 8.50 -14.89 12.49
N TYR A 77 7.63 -14.05 11.96
CA TYR A 77 8.07 -12.74 11.48
C TYR A 77 7.67 -11.57 12.32
N VAL A 78 7.21 -11.80 13.55
CA VAL A 78 6.86 -10.68 14.42
C VAL A 78 7.84 -10.62 15.58
N ASP A 79 7.84 -9.50 16.30
CA ASP A 79 8.71 -9.34 17.44
C ASP A 79 8.03 -9.76 18.73
N GLU A 80 6.75 -9.42 18.85
CA GLU A 80 5.95 -9.69 20.05
C GLU A 80 4.62 -10.45 19.78
N LEU A 81 4.50 -11.67 20.27
CA LEU A 81 3.26 -12.47 20.11
C LEU A 81 2.49 -12.28 21.41
N THR A 82 1.21 -12.63 21.42
CA THR A 82 0.45 -12.47 22.66
C THR A 82 0.35 -13.78 23.38
N PRO A 83 0.10 -13.73 24.71
CA PRO A 83 -0.01 -14.96 25.51
C PRO A 83 -0.94 -15.92 24.77
N ALA A 84 -2.09 -15.41 24.31
CA ALA A 84 -3.06 -16.24 23.60
C ALA A 84 -2.55 -16.72 22.26
N ALA A 85 -1.93 -15.80 21.51
CA ALA A 85 -1.38 -16.16 20.20
C ALA A 85 -0.44 -17.36 20.34
N LYS A 86 0.44 -17.27 21.34
CA LYS A 86 1.43 -18.31 21.64
C LYS A 86 0.81 -19.68 21.82
N LEU A 87 -0.40 -19.74 22.35
CA LEU A 87 -1.04 -21.01 22.57
C LEU A 87 -1.73 -21.48 21.31
N VAL A 88 -2.18 -20.52 20.49
CA VAL A 88 -2.86 -20.85 19.25
C VAL A 88 -1.82 -21.26 18.22
N GLY A 89 -0.71 -20.53 18.20
CA GLY A 89 0.33 -20.80 17.22
C GLY A 89 -0.13 -20.27 15.86
N ALA A 90 -0.72 -19.08 15.87
CA ALA A 90 -1.24 -18.43 14.66
C ALA A 90 -1.84 -17.06 14.95
N ILE A 91 -1.68 -16.16 13.99
CA ILE A 91 -2.20 -14.81 14.14
C ILE A 91 -2.90 -14.35 12.84
N ASN A 92 -3.77 -13.36 12.93
CA ASN A 92 -4.47 -12.89 11.74
C ASN A 92 -4.35 -11.37 11.64
N THR A 93 -3.57 -10.79 12.53
CA THR A 93 -3.41 -9.35 12.54
C THR A 93 -1.98 -8.93 12.90
N ILE A 94 -1.35 -8.08 12.09
CA ILE A 94 -0.04 -7.60 12.47
C ILE A 94 -0.13 -6.08 12.58
N VAL A 95 0.49 -5.51 13.59
CA VAL A 95 0.53 -4.06 13.78
C VAL A 95 1.99 -3.64 13.76
N ASN A 96 2.29 -2.63 12.93
CA ASN A 96 3.65 -2.09 12.81
C ASN A 96 3.69 -0.86 13.70
N ASP A 97 4.47 -0.93 14.77
CA ASP A 97 4.61 0.22 15.65
C ASP A 97 6.00 0.76 15.39
N ASP A 98 6.09 1.66 14.43
CA ASP A 98 7.36 2.28 14.05
C ASP A 98 8.52 1.29 13.97
N GLY A 99 8.37 0.28 13.12
CA GLY A 99 9.41 -0.73 12.93
C GLY A 99 9.27 -1.91 13.85
N TYR A 100 8.53 -1.73 14.93
CA TYR A 100 8.33 -2.83 15.87
C TYR A 100 7.02 -3.53 15.52
N LEU A 101 7.06 -4.85 15.29
CA LEU A 101 5.86 -5.57 14.88
C LEU A 101 5.22 -6.50 15.91
N ARG A 102 3.98 -6.20 16.26
CA ARG A 102 3.22 -6.99 17.23
C ARG A 102 2.13 -7.85 16.60
N GLY A 103 2.14 -9.15 16.88
CA GLY A 103 1.11 -10.01 16.32
C GLY A 103 -0.03 -10.36 17.26
N TYR A 104 -1.25 -10.42 16.73
CA TYR A 104 -2.45 -10.77 17.50
C TYR A 104 -3.36 -11.74 16.76
N ASN A 105 -4.35 -12.27 17.48
CA ASN A 105 -5.32 -13.17 16.91
C ASN A 105 -6.65 -12.59 17.34
N THR A 106 -7.29 -11.82 16.46
CA THR A 106 -8.55 -11.17 16.77
C THR A 106 -9.77 -12.06 16.65
N ASP A 107 -9.61 -13.24 16.04
CA ASP A 107 -10.75 -14.14 15.91
C ASP A 107 -11.15 -14.49 17.33
N GLY A 108 -10.16 -14.81 18.16
CA GLY A 108 -10.41 -15.17 19.55
C GLY A 108 -10.99 -14.07 20.42
N THR A 109 -10.30 -12.94 20.49
CA THR A 109 -10.79 -11.83 21.28
C THR A 109 -12.16 -11.40 20.75
N GLY A 110 -12.31 -11.37 19.44
CA GLY A 110 -13.57 -10.97 18.86
C GLY A 110 -14.78 -11.81 19.25
N HIS A 111 -14.63 -13.13 19.20
CA HIS A 111 -15.71 -14.04 19.54
C HIS A 111 -16.00 -13.95 21.02
N ILE A 112 -14.93 -13.80 21.80
CA ILE A 112 -15.11 -13.72 23.23
C ILE A 112 -15.75 -12.39 23.58
N ARG A 113 -15.32 -11.34 22.89
CA ARG A 113 -15.86 -9.98 23.08
C ARG A 113 -17.35 -10.03 22.78
N ALA A 114 -17.70 -10.69 21.69
CA ALA A 114 -19.11 -10.78 21.33
C ALA A 114 -19.92 -11.35 22.51
N ILE A 115 -19.31 -12.29 23.23
CA ILE A 115 -19.95 -12.90 24.36
C ILE A 115 -20.09 -11.91 25.52
N LYS A 116 -18.98 -11.40 26.06
CA LYS A 116 -19.07 -10.46 27.16
C LYS A 116 -20.10 -9.36 26.86
N GLU A 117 -20.26 -9.06 25.57
CA GLU A 117 -21.18 -8.02 25.12
C GLU A 117 -22.67 -8.36 25.19
N SER A 118 -23.00 -9.64 25.26
CA SER A 118 -24.38 -10.06 25.33
C SER A 118 -24.76 -10.06 26.80
N GLY A 119 -23.80 -9.72 27.66
CA GLY A 119 -24.05 -9.72 29.09
C GLY A 119 -23.89 -11.09 29.74
N PHE A 120 -22.86 -11.83 29.33
CA PHE A 120 -22.58 -13.15 29.88
C PHE A 120 -21.14 -13.06 30.40
N ASP A 121 -20.93 -13.61 31.60
CA ASP A 121 -19.60 -13.58 32.18
C ASP A 121 -18.99 -14.94 31.92
N ILE A 122 -17.73 -14.96 31.49
CA ILE A 122 -17.10 -16.24 31.19
C ILE A 122 -16.20 -16.70 32.32
N LYS A 123 -15.99 -15.84 33.31
CA LYS A 123 -15.16 -16.21 34.46
C LYS A 123 -15.76 -17.42 35.16
N GLY A 124 -14.96 -18.48 35.28
CA GLY A 124 -15.37 -19.70 35.94
C GLY A 124 -16.30 -20.65 35.21
N LYS A 125 -16.71 -20.34 33.99
CA LYS A 125 -17.62 -21.24 33.30
C LYS A 125 -16.98 -22.41 32.57
N THR A 126 -17.83 -23.32 32.13
CA THR A 126 -17.38 -24.51 31.43
C THR A 126 -17.87 -24.38 30.01
N MSE A 127 -16.95 -24.55 29.06
CA MSE A 127 -17.28 -24.43 27.63
C MSE A 127 -17.16 -25.77 26.93
O MSE A 127 -16.23 -26.54 27.19
CB MSE A 127 -16.35 -23.44 26.92
CG MSE A 127 -16.54 -23.38 25.39
SE MSE A 127 -15.28 -22.18 24.42
CE MSE A 127 -16.33 -20.53 24.41
N VAL A 128 -18.10 -26.08 26.05
CA VAL A 128 -17.99 -27.31 25.29
C VAL A 128 -17.70 -26.83 23.86
N LEU A 129 -16.44 -27.05 23.45
CA LEU A 129 -15.95 -26.62 22.14
C LEU A 129 -15.93 -27.69 21.04
N LEU A 130 -16.47 -27.32 19.88
CA LEU A 130 -16.52 -28.22 18.75
C LEU A 130 -15.49 -27.79 17.70
N GLY A 131 -14.41 -28.57 17.56
CA GLY A 131 -13.38 -28.27 16.59
C GLY A 131 -12.03 -28.08 17.22
N ALA A 132 -11.02 -27.90 16.39
CA ALA A 132 -9.65 -27.68 16.86
C ALA A 132 -8.87 -26.97 15.76
N GLY A 133 -9.62 -26.46 14.78
CA GLY A 133 -9.07 -25.77 13.63
C GLY A 133 -8.55 -24.38 13.92
N GLY A 134 -8.85 -23.43 13.04
CA GLY A 134 -8.36 -22.08 13.24
C GLY A 134 -9.25 -21.30 14.19
N ALA A 135 -10.55 -21.39 13.94
CA ALA A 135 -11.52 -20.69 14.77
C ALA A 135 -11.51 -21.22 16.20
N SER A 136 -11.81 -22.50 16.33
CA SER A 136 -11.87 -23.17 17.63
C SER A 136 -10.71 -22.92 18.60
N THR A 137 -9.50 -23.18 18.14
CA THR A 137 -8.33 -22.96 18.98
C THR A 137 -8.12 -21.50 19.39
N ALA A 138 -8.50 -20.59 18.50
CA ALA A 138 -8.35 -19.16 18.79
C ALA A 138 -9.32 -18.80 19.93
N ILE A 139 -10.55 -19.29 19.81
CA ILE A 139 -11.59 -19.06 20.80
C ILE A 139 -11.20 -19.73 22.13
N GLY A 140 -10.81 -21.00 22.06
CA GLY A 140 -10.41 -21.71 23.28
C GLY A 140 -9.33 -20.97 24.06
N ALA A 141 -8.28 -20.63 23.34
CA ALA A 141 -7.13 -19.91 23.88
C ALA A 141 -7.50 -18.64 24.63
N GLN A 142 -8.27 -17.77 23.97
CA GLN A 142 -8.69 -16.49 24.56
C GLN A 142 -9.67 -16.69 25.70
N GLY A 143 -10.51 -17.72 25.57
CA GLY A 143 -11.49 -18.02 26.61
C GLY A 143 -10.75 -18.43 27.88
N ALA A 144 -9.73 -19.29 27.72
CA ALA A 144 -8.92 -19.74 28.87
C ALA A 144 -8.23 -18.59 29.59
N ILE A 145 -7.66 -17.67 28.81
CA ILE A 145 -6.99 -16.50 29.35
C ILE A 145 -7.92 -15.46 29.96
N GLU A 146 -9.22 -15.50 29.69
CA GLU A 146 -10.10 -14.49 30.27
C GLU A 146 -10.80 -15.04 31.53
N GLY A 147 -10.50 -16.30 31.88
CA GLY A 147 -11.08 -16.88 33.09
C GLY A 147 -11.88 -18.17 32.97
N LEU A 148 -11.81 -18.89 31.85
CA LEU A 148 -12.58 -20.10 31.74
C LEU A 148 -11.96 -21.15 32.65
N LYS A 149 -12.83 -21.86 33.36
CA LYS A 149 -12.43 -22.93 34.28
C LYS A 149 -12.18 -24.27 33.60
N GLU A 150 -13.00 -24.56 32.58
CA GLU A 150 -12.94 -25.83 31.88
C GLU A 150 -13.17 -25.63 30.37
N ILE A 151 -12.51 -26.44 29.54
CA ILE A 151 -12.74 -26.43 28.12
C ILE A 151 -12.86 -27.87 27.71
N LYS A 152 -14.11 -28.29 27.50
CA LYS A 152 -14.38 -29.66 27.10
C LYS A 152 -14.36 -29.75 25.60
N LEU A 153 -13.13 -29.78 25.07
CA LEU A 153 -12.93 -29.83 23.62
C LEU A 153 -13.21 -31.19 23.07
N PHE A 154 -14.04 -31.21 22.04
CA PHE A 154 -14.37 -32.45 21.38
C PHE A 154 -13.96 -32.38 19.90
N ASN A 155 -12.96 -33.20 19.56
CA ASN A 155 -12.39 -33.30 18.22
C ASN A 155 -12.24 -34.79 17.79
N ARG A 156 -12.60 -35.09 16.55
CA ARG A 156 -12.54 -36.46 16.02
C ARG A 156 -11.15 -36.99 15.64
N ARG A 157 -11.13 -38.22 15.11
CA ARG A 157 -9.89 -38.88 14.69
C ARG A 157 -9.48 -38.47 13.27
N ASP A 158 -9.15 -37.19 13.10
CA ASP A 158 -8.72 -36.64 11.81
C ASP A 158 -7.42 -35.89 12.06
N GLU A 159 -6.96 -35.18 11.04
CA GLU A 159 -5.71 -34.44 11.13
C GLU A 159 -5.59 -33.50 12.34
N PHE A 160 -6.72 -33.10 12.91
CA PHE A 160 -6.73 -32.16 14.03
C PHE A 160 -6.67 -32.70 15.45
N PHE A 161 -6.98 -33.98 15.67
CA PHE A 161 -6.97 -34.49 17.02
C PHE A 161 -5.70 -34.18 17.78
N ASP A 162 -4.55 -34.45 17.18
CA ASP A 162 -3.28 -34.22 17.86
C ASP A 162 -3.03 -32.74 18.11
N LYS A 163 -3.60 -31.88 17.26
CA LYS A 163 -3.43 -30.44 17.45
C LYS A 163 -4.13 -30.10 18.75
N ALA A 164 -5.22 -30.83 19.00
CA ALA A 164 -6.02 -30.65 20.19
C ALA A 164 -5.24 -30.92 21.48
N LEU A 165 -4.53 -32.06 21.47
CA LEU A 165 -3.74 -32.46 22.63
C LEU A 165 -2.70 -31.41 23.00
N ALA A 166 -1.85 -31.06 22.03
CA ALA A 166 -0.79 -30.07 22.19
C ALA A 166 -1.42 -28.77 22.64
N PHE A 167 -2.57 -28.46 22.06
CA PHE A 167 -3.29 -27.25 22.39
C PHE A 167 -3.67 -27.39 23.86
N ALA A 168 -4.37 -28.48 24.15
CA ALA A 168 -4.79 -28.77 25.51
C ALA A 168 -3.54 -28.69 26.38
N GLN A 169 -2.45 -29.23 25.85
CA GLN A 169 -1.14 -29.25 26.52
C GLN A 169 -0.68 -27.86 26.91
N ARG A 170 -0.60 -26.96 25.94
CA ARG A 170 -0.16 -25.59 26.17
C ARG A 170 -1.02 -24.81 27.16
N VAL A 171 -2.34 -24.88 26.99
CA VAL A 171 -3.26 -24.16 27.87
C VAL A 171 -3.06 -24.57 29.32
N ASN A 172 -2.87 -25.87 29.53
CA ASN A 172 -2.67 -26.42 30.88
C ASN A 172 -1.34 -25.98 31.46
N GLU A 173 -0.31 -26.01 30.61
CA GLU A 173 1.04 -25.66 31.01
C GLU A 173 1.24 -24.18 31.35
N ASN A 174 0.40 -23.30 30.79
CA ASN A 174 0.55 -21.88 31.06
C ASN A 174 -0.67 -21.15 31.55
N THR A 175 -1.79 -21.86 31.64
CA THR A 175 -3.04 -21.25 32.12
C THR A 175 -3.53 -21.89 33.40
N ASP A 176 -4.61 -21.32 33.92
CA ASP A 176 -5.27 -21.84 35.10
C ASP A 176 -6.38 -22.78 34.60
N CYS A 177 -6.68 -22.71 33.31
CA CYS A 177 -7.74 -23.50 32.70
C CYS A 177 -7.37 -24.94 32.40
N VAL A 178 -8.36 -25.82 32.59
CA VAL A 178 -8.21 -27.24 32.34
C VAL A 178 -8.94 -27.60 31.06
N VAL A 179 -8.22 -28.18 30.12
CA VAL A 179 -8.81 -28.58 28.84
C VAL A 179 -8.70 -30.08 28.70
N THR A 180 -9.78 -30.67 28.20
CA THR A 180 -9.84 -32.10 27.98
C THR A 180 -10.32 -32.32 26.56
N VAL A 181 -9.58 -33.15 25.83
CA VAL A 181 -9.91 -33.48 24.45
C VAL A 181 -10.59 -34.85 24.48
N THR A 182 -11.72 -34.95 23.79
CA THR A 182 -12.50 -36.17 23.78
C THR A 182 -13.13 -36.35 22.42
N ASP A 183 -13.08 -37.58 21.89
CA ASP A 183 -13.63 -37.93 20.58
C ASP A 183 -15.11 -37.58 20.42
N LEU A 184 -15.47 -37.02 19.26
CA LEU A 184 -16.86 -36.63 18.97
C LEU A 184 -17.80 -37.71 18.44
N ALA A 185 -17.45 -38.99 18.62
CA ALA A 185 -18.32 -40.08 18.18
C ALA A 185 -18.83 -40.73 19.46
N ASP A 186 -18.31 -40.24 20.59
CA ASP A 186 -18.67 -40.72 21.91
C ASP A 186 -19.96 -39.97 22.32
N GLN A 187 -21.00 -40.15 21.51
CA GLN A 187 -22.31 -39.49 21.71
C GLN A 187 -22.84 -39.41 23.15
N GLN A 188 -22.12 -39.99 24.10
CA GLN A 188 -22.59 -39.96 25.47
C GLN A 188 -21.75 -39.06 26.38
N ALA A 189 -20.46 -39.40 26.57
CA ALA A 189 -19.59 -38.59 27.42
C ALA A 189 -19.67 -37.13 26.96
N PHE A 190 -20.31 -36.94 25.81
CA PHE A 190 -20.53 -35.66 25.17
C PHE A 190 -21.84 -35.09 25.67
N ALA A 191 -22.92 -35.84 25.45
CA ALA A 191 -24.27 -35.43 25.90
C ALA A 191 -24.18 -34.95 27.34
N GLU A 192 -23.39 -35.68 28.12
CA GLU A 192 -23.20 -35.35 29.51
C GLU A 192 -22.24 -34.17 29.65
N ALA A 193 -21.42 -33.96 28.64
CA ALA A 193 -20.49 -32.84 28.68
C ALA A 193 -21.37 -31.60 28.51
N LEU A 194 -22.27 -31.65 27.53
CA LEU A 194 -23.18 -30.56 27.24
C LEU A 194 -24.02 -30.17 28.46
N ALA A 195 -24.17 -31.12 29.38
CA ALA A 195 -24.97 -30.89 30.57
C ALA A 195 -24.25 -30.09 31.65
N SER A 196 -22.92 -30.22 31.66
CA SER A 196 -22.07 -29.54 32.63
C SER A 196 -21.73 -28.15 32.14
N ALA A 197 -22.05 -27.89 30.89
CA ALA A 197 -21.70 -26.63 30.25
C ALA A 197 -22.63 -25.44 30.37
N ASP A 198 -22.02 -24.27 30.33
CA ASP A 198 -22.70 -22.99 30.42
C ASP A 198 -22.79 -22.46 28.99
N ILE A 199 -21.77 -22.77 28.20
CA ILE A 199 -21.75 -22.33 26.83
C ILE A 199 -21.32 -23.44 25.89
N LEU A 200 -21.88 -23.42 24.68
CA LEU A 200 -21.55 -24.40 23.65
C LEU A 200 -21.12 -23.58 22.43
N THR A 201 -19.92 -23.87 21.94
CA THR A 201 -19.36 -23.14 20.82
C THR A 201 -19.01 -24.01 19.62
N ASN A 202 -19.66 -23.74 18.50
CA ASN A 202 -19.40 -24.46 17.26
C ASN A 202 -18.33 -23.78 16.40
N GLY A 203 -17.16 -24.41 16.31
CA GLY A 203 -16.10 -23.83 15.52
C GLY A 203 -15.77 -24.76 14.37
N THR A 204 -16.76 -25.53 13.93
CA THR A 204 -16.58 -26.47 12.82
C THR A 204 -17.21 -25.95 11.55
N LYS A 205 -16.77 -26.49 10.41
CA LYS A 205 -17.28 -26.05 9.12
C LYS A 205 -18.71 -26.56 8.96
N VAL A 206 -19.08 -27.47 9.86
CA VAL A 206 -20.41 -28.07 9.87
C VAL A 206 -21.48 -27.02 10.10
N GLY A 207 -22.38 -26.86 9.12
CA GLY A 207 -23.42 -25.85 9.24
C GLY A 207 -23.26 -24.85 8.14
N MSE A 208 -22.19 -25.04 7.35
CA MSE A 208 -21.89 -24.14 6.24
C MSE A 208 -21.99 -24.80 4.85
O MSE A 208 -21.64 -25.96 4.70
CB MSE A 208 -20.48 -23.60 6.41
CG MSE A 208 -20.03 -22.73 5.23
SE MSE A 208 -18.22 -21.97 5.43
CE MSE A 208 -17.23 -23.60 5.87
N LYS A 209 -22.45 -24.02 3.85
CA LYS A 209 -22.71 -24.40 2.37
C LYS A 209 -21.72 -25.28 1.76
N PRO A 210 -21.95 -26.42 1.21
CA PRO A 210 -23.11 -27.22 1.02
C PRO A 210 -23.89 -27.64 2.14
N LEU A 211 -23.11 -28.11 3.16
CA LEU A 211 -23.65 -28.68 4.43
C LEU A 211 -24.48 -27.76 5.39
N GLU A 212 -25.25 -27.05 4.71
CA GLU A 212 -26.13 -26.08 5.34
C GLU A 212 -27.24 -26.87 5.99
N ASN A 213 -27.03 -28.17 6.17
CA ASN A 213 -28.04 -29.04 6.76
C ASN A 213 -27.43 -30.12 7.65
N GLU A 214 -26.50 -29.76 8.52
CA GLU A 214 -25.91 -30.76 9.41
C GLU A 214 -25.34 -30.11 10.68
N SER A 215 -25.76 -30.65 11.83
CA SER A 215 -25.34 -30.18 13.14
C SER A 215 -24.61 -31.28 13.92
N LEU A 216 -23.70 -30.87 14.79
CA LEU A 216 -22.95 -31.83 15.57
C LEU A 216 -23.68 -32.28 16.82
N VAL A 217 -24.95 -31.91 16.93
CA VAL A 217 -25.72 -32.34 18.07
C VAL A 217 -27.03 -32.99 17.61
N ASN A 218 -26.99 -34.32 17.59
CA ASN A 218 -28.06 -35.23 17.19
C ASN A 218 -29.47 -34.83 17.57
N ASP A 219 -29.65 -34.85 18.89
CA ASP A 219 -30.90 -34.56 19.58
C ASP A 219 -30.97 -33.08 19.91
N ILE A 220 -32.17 -32.58 20.19
CA ILE A 220 -32.33 -31.19 20.57
C ILE A 220 -32.37 -31.22 22.10
N SER A 221 -32.73 -32.38 22.63
CA SER A 221 -32.82 -32.56 24.07
C SER A 221 -31.45 -32.66 24.70
N LEU A 222 -30.40 -32.57 23.90
CA LEU A 222 -29.07 -32.62 24.47
C LEU A 222 -28.68 -31.21 24.94
N LEU A 223 -29.47 -30.23 24.50
CA LEU A 223 -29.26 -28.84 24.90
C LEU A 223 -30.16 -28.56 26.10
N HIS A 224 -29.96 -27.43 26.77
CA HIS A 224 -30.86 -27.04 27.86
C HIS A 224 -31.10 -25.55 27.78
N PRO A 225 -32.23 -25.08 28.34
CA PRO A 225 -32.60 -23.67 28.31
C PRO A 225 -31.61 -22.60 28.78
N GLY A 226 -30.98 -22.78 29.93
CA GLY A 226 -30.05 -21.77 30.39
C GLY A 226 -28.73 -21.70 29.64
N LEU A 227 -28.59 -22.55 28.63
CA LEU A 227 -27.36 -22.61 27.85
C LEU A 227 -27.17 -21.50 26.82
N LEU A 228 -25.90 -21.15 26.61
CA LEU A 228 -25.49 -20.15 25.62
C LEU A 228 -24.80 -20.94 24.52
N VAL A 229 -25.28 -20.76 23.30
CA VAL A 229 -24.71 -21.46 22.16
C VAL A 229 -24.22 -20.39 21.19
N THR A 230 -22.97 -20.53 20.75
CA THR A 230 -22.38 -19.58 19.83
C THR A 230 -21.95 -20.26 18.55
N GLU A 231 -22.12 -19.55 17.44
CA GLU A 231 -21.79 -20.07 16.13
C GLU A 231 -20.68 -19.26 15.48
N CYS A 232 -19.77 -19.96 14.80
CA CYS A 232 -18.73 -19.26 14.10
C CYS A 232 -19.18 -19.06 12.66
N VAL A 233 -20.05 -19.93 12.19
CA VAL A 233 -20.54 -19.84 10.83
C VAL A 233 -21.48 -18.67 10.65
N TYR A 234 -21.22 -17.86 9.64
CA TYR A 234 -22.07 -16.72 9.36
C TYR A 234 -22.69 -16.87 7.98
N ASN A 235 -22.48 -18.03 7.38
CA ASN A 235 -23.06 -18.28 6.07
C ASN A 235 -23.70 -19.67 6.02
N PRO A 236 -25.04 -19.73 6.15
CA PRO A 236 -25.92 -18.55 6.33
C PRO A 236 -25.95 -17.95 7.74
N HIS A 237 -27.03 -17.26 8.05
CA HIS A 237 -27.19 -16.62 9.34
C HIS A 237 -27.55 -17.62 10.43
N MSE A 238 -28.60 -18.40 10.16
CA MSE A 238 -29.12 -19.39 11.12
C MSE A 238 -28.64 -20.78 10.80
O MSE A 238 -29.24 -21.47 9.97
CB MSE A 238 -30.66 -19.41 11.06
CG MSE A 238 -31.33 -19.13 12.41
SE MSE A 238 -31.04 -17.25 12.96
CE MSE A 238 -32.67 -16.49 12.10
N THR A 239 -27.58 -21.22 11.46
CA THR A 239 -27.06 -22.56 11.25
C THR A 239 -28.07 -23.57 11.78
N LYS A 240 -27.92 -24.83 11.38
CA LYS A 240 -28.82 -25.84 11.89
C LYS A 240 -28.71 -25.78 13.40
N LEU A 241 -27.48 -25.69 13.91
CA LEU A 241 -27.22 -25.63 15.36
C LEU A 241 -27.95 -24.47 16.02
N LEU A 242 -28.05 -23.33 15.33
CA LEU A 242 -28.74 -22.20 15.92
C LEU A 242 -30.23 -22.43 15.92
N GLN A 243 -30.71 -23.25 14.99
CA GLN A 243 -32.13 -23.59 14.92
C GLN A 243 -32.49 -24.47 16.12
N GLN A 244 -31.67 -25.49 16.35
CA GLN A 244 -31.88 -26.41 17.46
C GLN A 244 -31.76 -25.67 18.78
N ALA A 245 -31.04 -24.55 18.80
CA ALA A 245 -30.85 -23.78 20.03
C ALA A 245 -32.09 -22.94 20.32
N GLN A 246 -32.47 -22.08 19.39
CA GLN A 246 -33.64 -21.24 19.52
C GLN A 246 -34.77 -22.14 19.98
N GLN A 247 -34.57 -23.44 19.75
CA GLN A 247 -35.52 -24.48 20.12
C GLN A 247 -35.61 -24.55 21.65
N ALA A 248 -34.62 -25.20 22.26
CA ALA A 248 -34.56 -25.37 23.70
C ALA A 248 -34.68 -24.08 24.50
N GLY A 249 -34.82 -22.94 23.82
CA GLY A 249 -34.96 -21.67 24.50
C GLY A 249 -33.62 -21.09 24.91
N CYS A 250 -32.55 -21.56 24.28
CA CYS A 250 -31.19 -21.13 24.58
C CYS A 250 -30.87 -19.71 24.11
N LYS A 251 -29.97 -19.05 24.83
CA LYS A 251 -29.57 -17.71 24.46
C LYS A 251 -28.63 -17.97 23.29
N THR A 252 -28.73 -17.16 22.26
CA THR A 252 -27.94 -17.34 21.03
C THR A 252 -27.02 -16.19 20.61
N ILE A 253 -25.96 -16.53 19.87
CA ILE A 253 -25.01 -15.55 19.33
C ILE A 253 -24.56 -16.08 17.98
N ASP A 254 -24.81 -15.29 16.93
CA ASP A 254 -24.47 -15.71 15.57
C ASP A 254 -23.07 -15.40 15.08
N GLY A 255 -22.82 -15.81 13.84
CA GLY A 255 -21.55 -15.61 13.20
C GLY A 255 -21.21 -14.15 12.95
N TYR A 256 -22.21 -13.35 12.59
CA TYR A 256 -21.95 -11.93 12.35
C TYR A 256 -21.50 -11.25 13.64
N GLY A 257 -21.62 -11.95 14.76
CA GLY A 257 -21.20 -11.38 16.02
C GLY A 257 -19.69 -11.47 16.11
N MSE A 258 -19.15 -12.64 15.80
CA MSE A 258 -17.72 -12.80 15.87
C MSE A 258 -17.08 -12.02 14.72
O MSE A 258 -16.01 -11.43 14.90
CB MSE A 258 -17.33 -14.27 15.77
CG MSE A 258 -15.81 -14.46 15.77
SE MSE A 258 -15.23 -16.26 15.51
CE MSE A 258 -16.83 -16.88 14.68
N LEU A 259 -17.75 -11.98 13.58
CA LEU A 259 -17.20 -11.28 12.43
C LEU A 259 -17.10 -9.76 12.63
N LEU A 260 -18.12 -9.15 13.23
CA LEU A 260 -18.10 -7.72 13.45
C LEU A 260 -17.10 -7.28 14.52
N TRP A 261 -17.10 -7.98 15.66
CA TRP A 261 -16.19 -7.64 16.76
C TRP A 261 -14.72 -7.92 16.44
N GLN A 262 -14.49 -8.95 15.66
CA GLN A 262 -13.15 -9.32 15.23
C GLN A 262 -12.60 -8.11 14.46
N GLY A 263 -13.41 -7.58 13.53
CA GLY A 263 -13.03 -6.43 12.73
C GLY A 263 -12.87 -5.14 13.52
N ALA A 264 -13.63 -5.01 14.60
CA ALA A 264 -13.53 -3.82 15.43
C ALA A 264 -12.17 -3.85 16.09
N GLU A 265 -11.77 -5.06 16.53
CA GLU A 265 -10.49 -5.25 17.19
C GLU A 265 -9.30 -4.86 16.31
N GLN A 266 -9.31 -5.26 15.05
CA GLN A 266 -8.22 -4.91 14.13
C GLN A 266 -8.25 -3.40 13.93
N PHE A 267 -9.44 -2.87 13.65
CA PHE A 267 -9.62 -1.45 13.46
C PHE A 267 -8.95 -0.68 14.60
N THR A 268 -9.43 -0.89 15.83
CA THR A 268 -8.88 -0.17 16.96
C THR A 268 -7.40 -0.46 17.12
N LEU A 269 -6.97 -1.66 16.77
CA LEU A 269 -5.54 -1.96 16.88
C LEU A 269 -4.71 -1.04 15.96
N TRP A 270 -5.13 -0.88 14.70
CA TRP A 270 -4.43 -0.05 13.70
C TRP A 270 -4.71 1.46 13.82
N THR A 271 -5.97 1.76 14.11
CA THR A 271 -6.50 3.11 14.22
C THR A 271 -6.45 3.79 15.58
N GLY A 272 -6.60 3.03 16.66
CA GLY A 272 -6.58 3.62 17.97
C GLY A 272 -7.93 4.16 18.42
N LYS A 273 -8.84 4.32 17.45
CA LYS A 273 -10.20 4.80 17.68
C LYS A 273 -11.20 3.63 17.79
N ASP A 274 -12.45 3.94 18.11
CA ASP A 274 -13.48 2.92 18.21
C ASP A 274 -14.12 2.64 16.86
N PHE A 275 -14.51 1.38 16.68
CA PHE A 275 -15.14 0.88 15.47
C PHE A 275 -16.62 1.23 15.36
N PRO A 276 -17.04 1.90 14.27
CA PRO A 276 -18.46 2.26 14.10
C PRO A 276 -19.17 0.94 13.83
N LEU A 277 -19.10 0.04 14.80
CA LEU A 277 -19.66 -1.29 14.66
C LEU A 277 -21.07 -1.30 14.12
N GLU A 278 -21.84 -0.38 14.66
CA GLU A 278 -23.24 -0.19 14.37
C GLU A 278 -23.51 0.09 12.88
N TYR A 279 -22.79 1.09 12.33
CA TYR A 279 -22.90 1.52 10.93
C TYR A 279 -22.45 0.45 9.95
N VAL A 280 -21.36 -0.24 10.29
CA VAL A 280 -20.84 -1.30 9.42
C VAL A 280 -21.82 -2.46 9.31
N LYS A 281 -22.50 -2.77 10.41
CA LYS A 281 -23.45 -3.89 10.37
C LYS A 281 -24.54 -3.58 9.34
N GLN A 282 -24.99 -2.32 9.37
CA GLN A 282 -26.00 -1.81 8.44
C GLN A 282 -25.53 -2.07 7.01
N VAL A 283 -24.52 -1.30 6.68
CA VAL A 283 -23.86 -1.26 5.39
C VAL A 283 -23.45 -2.59 4.75
N MSE A 284 -22.93 -3.53 5.52
CA MSE A 284 -22.53 -4.82 4.94
C MSE A 284 -23.77 -5.66 4.67
O MSE A 284 -23.70 -6.72 4.03
CB MSE A 284 -21.63 -5.61 5.90
CG MSE A 284 -20.26 -5.01 6.14
SE MSE A 284 -19.31 -4.80 4.50
CE MSE A 284 -19.51 -6.58 3.82
N GLY A 285 -24.90 -5.19 5.16
CA GLY A 285 -26.13 -5.93 4.97
C GLY A 285 -26.22 -7.14 5.89
N PHE A 286 -26.33 -6.89 7.19
CA PHE A 286 -26.45 -7.95 8.21
C PHE A 286 -27.68 -7.72 9.07
N GLY A 287 -28.82 -7.88 8.56
N TYR B 7 -7.78 -5.26 -8.39
CA TYR B 7 -7.38 -3.94 -7.79
C TYR B 7 -5.92 -3.87 -7.34
N GLU B 8 -5.10 -3.14 -8.09
CA GLU B 8 -3.69 -3.06 -7.77
C GLU B 8 -3.11 -1.74 -7.28
N LEU B 9 -2.00 -1.87 -6.55
CA LEU B 9 -1.28 -0.74 -5.97
C LEU B 9 -0.20 -0.14 -6.86
N ILE B 10 -0.13 1.20 -6.86
CA ILE B 10 0.91 1.94 -7.57
C ILE B 10 1.39 2.90 -6.49
N GLY B 11 2.70 2.94 -6.29
CA GLY B 11 3.19 3.80 -5.25
C GLY B 11 4.07 4.90 -5.72
N LEU B 12 4.69 5.58 -4.75
CA LEU B 12 5.62 6.66 -4.97
C LEU B 12 6.62 6.43 -3.84
N MSE B 13 7.90 6.22 -4.19
CA MSE B 13 8.92 5.99 -3.20
C MSE B 13 9.82 7.22 -3.07
O MSE B 13 10.55 7.56 -3.99
CB MSE B 13 9.73 4.77 -3.56
CG MSE B 13 8.97 3.47 -3.40
SE MSE B 13 9.90 1.88 -4.05
CE MSE B 13 8.34 0.74 -4.15
N ALA B 14 9.80 7.88 -1.91
CA ALA B 14 10.62 9.06 -1.74
C ALA B 14 10.58 9.61 -0.33
N TYR B 15 11.35 10.67 -0.12
CA TYR B 15 11.41 11.38 1.17
C TYR B 15 12.05 12.74 0.97
N PRO B 16 11.30 13.81 1.23
CA PRO B 16 9.90 13.78 1.69
C PRO B 16 8.85 13.42 0.63
N ILE B 17 7.58 13.40 1.03
CA ILE B 17 6.45 13.12 0.14
C ILE B 17 5.20 13.95 0.41
N ARG B 18 5.04 14.42 1.64
CA ARG B 18 3.88 15.25 2.04
C ARG B 18 3.64 16.39 1.04
N HIS B 19 4.66 16.65 0.25
CA HIS B 19 4.64 17.70 -0.77
C HIS B 19 3.93 17.30 -2.06
N SER B 20 4.19 16.08 -2.50
CA SER B 20 3.70 15.59 -3.76
C SER B 20 2.29 15.90 -4.23
N LEU B 21 2.21 16.14 -5.54
CA LEU B 21 0.97 16.38 -6.19
C LEU B 21 0.57 15.13 -6.96
N SER B 22 1.51 14.19 -7.09
CA SER B 22 1.25 12.96 -7.84
C SER B 22 0.08 12.15 -7.31
N PRO B 23 -0.03 12.02 -5.99
CA PRO B 23 -1.14 11.25 -5.44
C PRO B 23 -2.48 11.79 -5.93
N GLU B 24 -2.74 13.05 -5.64
CA GLU B 24 -4.01 13.64 -6.06
C GLU B 24 -4.18 13.56 -7.56
N MSE B 25 -3.13 13.87 -8.30
CA MSE B 25 -3.20 13.83 -9.75
C MSE B 25 -3.58 12.45 -10.27
O MSE B 25 -4.58 12.27 -10.99
CB MSE B 25 -1.87 14.25 -10.38
CG MSE B 25 -1.76 15.71 -10.79
SE MSE B 25 -0.20 16.03 -11.89
CE MSE B 25 1.11 15.04 -10.85
N GLN B 26 -2.77 11.46 -9.89
CA GLN B 26 -2.96 10.09 -10.33
C GLN B 26 -4.28 9.50 -9.92
N ASN B 27 -4.67 9.76 -8.70
CA ASN B 27 -5.92 9.20 -8.26
C ASN B 27 -7.09 9.93 -8.90
N LYS B 28 -6.94 11.22 -9.18
CA LYS B 28 -8.03 11.93 -9.83
C LYS B 28 -8.28 11.36 -11.22
N ALA B 29 -7.21 11.01 -11.92
CA ALA B 29 -7.39 10.46 -13.25
C ALA B 29 -7.85 8.98 -13.22
N LEU B 30 -7.39 8.24 -12.22
CA LEU B 30 -7.75 6.84 -12.08
C LEU B 30 -9.23 6.72 -11.82
N GLU B 31 -9.69 7.52 -10.86
CA GLU B 31 -11.09 7.56 -10.47
C GLU B 31 -12.00 8.05 -11.61
N LYS B 32 -11.49 9.02 -12.38
CA LYS B 32 -12.22 9.59 -13.51
C LYS B 32 -12.51 8.49 -14.55
N ALA B 33 -11.58 7.55 -14.69
CA ALA B 33 -11.74 6.47 -15.67
C ALA B 33 -12.24 5.17 -15.09
N GLY B 34 -12.67 5.19 -13.83
CA GLY B 34 -13.14 3.96 -13.19
C GLY B 34 -12.14 2.84 -13.37
N LEU B 35 -10.87 3.16 -13.08
CA LEU B 35 -9.78 2.19 -13.22
C LEU B 35 -9.47 1.49 -11.92
N PRO B 36 -9.14 0.19 -11.98
CA PRO B 36 -8.80 -0.69 -10.86
C PRO B 36 -7.43 -0.55 -10.21
N PHE B 37 -7.02 0.67 -9.89
CA PHE B 37 -5.75 0.92 -9.25
C PHE B 37 -5.90 2.00 -8.16
N THR B 38 -4.91 2.07 -7.29
CA THR B 38 -4.87 3.07 -6.24
C THR B 38 -3.42 3.51 -6.11
N TYR B 39 -3.19 4.82 -6.04
CA TYR B 39 -1.84 5.35 -5.96
C TYR B 39 -1.54 5.82 -4.56
N MSE B 40 -0.38 5.48 -4.03
CA MSE B 40 -0.06 5.88 -2.67
C MSE B 40 1.39 6.21 -2.49
O MSE B 40 2.26 5.51 -3.02
CB MSE B 40 -0.41 4.80 -1.65
CG MSE B 40 -1.88 4.44 -1.56
SE MSE B 40 -2.17 3.14 -0.14
CE MSE B 40 -1.97 4.44 1.32
N ALA B 41 1.65 7.23 -1.69
CA ALA B 41 3.01 7.64 -1.42
C ALA B 41 3.47 6.96 -0.17
N PHE B 42 4.74 6.55 -0.17
CA PHE B 42 5.37 5.92 0.98
C PHE B 42 6.69 6.67 1.24
N GLU B 43 7.01 6.94 2.52
CA GLU B 43 8.30 7.59 2.85
C GLU B 43 9.39 6.52 2.81
N VAL B 44 10.24 6.65 1.81
CA VAL B 44 11.31 5.71 1.56
C VAL B 44 12.55 6.46 1.14
N ASP B 45 13.70 6.11 1.72
CA ASP B 45 14.94 6.76 1.34
C ASP B 45 15.98 5.72 0.90
N ASN B 46 17.22 6.16 0.68
CA ASN B 46 18.25 5.23 0.21
C ASN B 46 18.40 3.91 0.96
N ASP B 47 18.22 3.93 2.28
CA ASP B 47 18.39 2.70 3.08
C ASP B 47 17.20 1.78 3.03
N SER B 48 16.01 2.34 3.01
CA SER B 48 14.82 1.49 2.94
C SER B 48 14.39 1.19 1.52
N PHE B 49 15.00 1.85 0.53
CA PHE B 49 14.61 1.61 -0.85
C PHE B 49 14.69 0.13 -1.30
N PRO B 50 15.83 -0.57 -1.04
CA PRO B 50 15.95 -1.96 -1.47
C PRO B 50 14.80 -2.86 -0.98
N GLY B 51 14.44 -2.72 0.32
CA GLY B 51 13.36 -3.50 0.92
C GLY B 51 12.02 -3.14 0.32
N ALA B 52 11.86 -1.86 -0.03
CA ALA B 52 10.64 -1.40 -0.66
C ALA B 52 10.48 -2.09 -2.01
N ILE B 53 11.57 -2.21 -2.76
CA ILE B 53 11.52 -2.88 -4.05
C ILE B 53 11.12 -4.33 -3.78
N GLU B 54 11.65 -4.90 -2.69
CA GLU B 54 11.31 -6.27 -2.35
C GLU B 54 9.80 -6.33 -2.11
N GLY B 55 9.28 -5.31 -1.44
CA GLY B 55 7.85 -5.28 -1.18
C GLY B 55 7.04 -5.18 -2.47
N LEU B 56 7.45 -4.27 -3.34
CA LEU B 56 6.79 -4.04 -4.64
C LEU B 56 6.57 -5.38 -5.37
N LYS B 57 7.61 -6.22 -5.42
CA LYS B 57 7.50 -7.52 -6.08
C LYS B 57 6.64 -8.55 -5.30
N ALA B 58 6.88 -8.68 -3.99
CA ALA B 58 6.10 -9.62 -3.20
C ALA B 58 4.61 -9.28 -3.11
N LEU B 59 4.31 -7.98 -3.07
CA LEU B 59 2.93 -7.50 -2.97
C LEU B 59 2.31 -7.40 -4.36
N LYS B 60 3.11 -7.63 -5.39
CA LYS B 60 2.64 -7.53 -6.77
C LYS B 60 2.02 -6.16 -7.02
N MSE B 61 2.83 -5.12 -6.87
CA MSE B 61 2.38 -3.77 -7.16
C MSE B 61 2.49 -3.62 -8.66
O MSE B 61 3.45 -4.10 -9.25
CB MSE B 61 3.28 -2.74 -6.52
CG MSE B 61 3.11 -2.53 -5.05
SE MSE B 61 4.24 -1.05 -4.54
CE MSE B 61 4.59 -1.67 -2.78
N ARG B 62 1.52 -2.94 -9.28
CA ARG B 62 1.58 -2.73 -10.72
C ARG B 62 2.83 -1.92 -11.03
N GLY B 63 3.28 -1.14 -10.06
CA GLY B 63 4.45 -0.34 -10.27
C GLY B 63 4.60 0.73 -9.20
N THR B 64 5.51 1.68 -9.41
CA THR B 64 5.72 2.75 -8.45
C THR B 64 6.40 3.93 -9.10
N GLY B 65 6.19 5.10 -8.52
CA GLY B 65 6.86 6.28 -9.03
C GLY B 65 8.12 6.36 -8.18
N VAL B 66 9.08 7.18 -8.57
CA VAL B 66 10.32 7.34 -7.81
C VAL B 66 10.76 8.78 -7.85
N SER B 67 11.04 9.33 -6.69
CA SER B 67 11.49 10.70 -6.62
C SER B 67 12.68 10.76 -5.65
N MSE B 68 13.18 11.98 -5.39
CA MSE B 68 14.32 12.18 -4.52
C MSE B 68 14.05 11.49 -3.18
O MSE B 68 12.96 11.64 -2.62
CB MSE B 68 14.59 13.68 -4.35
CG MSE B 68 14.74 14.12 -2.88
SE MSE B 68 15.66 15.80 -2.56
CE MSE B 68 14.35 17.04 -3.20
N PRO B 69 15.07 10.86 -2.59
CA PRO B 69 16.45 10.73 -3.07
C PRO B 69 16.74 9.44 -3.72
N ASN B 70 15.75 8.82 -4.33
CA ASN B 70 15.97 7.49 -4.90
C ASN B 70 16.09 7.28 -6.40
N LYS B 71 16.08 8.35 -7.19
CA LYS B 71 16.09 8.21 -8.65
C LYS B 71 17.30 7.54 -9.24
N GLN B 72 18.47 7.85 -8.71
CA GLN B 72 19.67 7.22 -9.26
C GLN B 72 19.76 5.79 -8.82
N LEU B 73 19.55 5.58 -7.53
CA LEU B 73 19.64 4.25 -6.97
C LEU B 73 18.70 3.28 -7.68
N ALA B 74 17.50 3.78 -8.01
CA ALA B 74 16.48 2.99 -8.68
C ALA B 74 16.94 2.24 -9.93
N CYS B 75 17.81 2.83 -10.74
CA CYS B 75 18.28 2.18 -11.97
C CYS B 75 19.04 0.91 -11.65
N GLU B 76 19.48 0.78 -10.40
CA GLU B 76 20.23 -0.39 -10.04
C GLU B 76 19.33 -1.52 -9.55
N TYR B 77 18.03 -1.28 -9.54
CA TYR B 77 17.12 -2.32 -9.09
C TYR B 77 16.09 -2.78 -10.11
N VAL B 78 16.23 -2.34 -11.34
CA VAL B 78 15.32 -2.78 -12.38
C VAL B 78 16.02 -3.76 -13.32
N ASP B 79 15.22 -4.49 -14.10
CA ASP B 79 15.76 -5.48 -15.01
C ASP B 79 16.09 -4.89 -16.36
N GLU B 80 15.41 -3.80 -16.70
CA GLU B 80 15.67 -3.15 -17.97
C GLU B 80 15.43 -1.66 -17.90
N LEU B 81 16.30 -0.89 -18.58
CA LEU B 81 16.23 0.58 -18.66
C LEU B 81 16.07 1.02 -20.12
N THR B 82 15.54 2.23 -20.31
CA THR B 82 15.38 2.76 -21.64
C THR B 82 16.67 3.46 -22.04
N PRO B 83 16.95 3.50 -23.34
CA PRO B 83 18.18 4.13 -23.82
C PRO B 83 18.39 5.48 -23.16
N ALA B 84 17.30 6.22 -22.97
CA ALA B 84 17.35 7.54 -22.37
C ALA B 84 17.81 7.48 -20.91
N ALA B 85 17.13 6.67 -20.10
CA ALA B 85 17.48 6.49 -18.68
C ALA B 85 18.97 6.18 -18.50
N LYS B 86 19.57 5.42 -19.42
CA LYS B 86 21.00 5.12 -19.34
C LYS B 86 21.85 6.39 -19.49
N LEU B 87 21.39 7.38 -20.27
CA LEU B 87 22.14 8.63 -20.45
C LEU B 87 21.96 9.53 -19.23
N VAL B 88 20.74 9.59 -18.74
CA VAL B 88 20.41 10.41 -17.58
C VAL B 88 21.06 9.79 -16.35
N GLY B 89 20.90 8.47 -16.21
CA GLY B 89 21.42 7.78 -15.05
C GLY B 89 20.51 7.88 -13.83
N ALA B 90 19.19 7.97 -14.07
CA ALA B 90 18.18 8.09 -13.01
C ALA B 90 16.77 7.93 -13.58
N ILE B 91 15.91 7.20 -12.86
CA ILE B 91 14.53 6.98 -13.32
C ILE B 91 13.49 7.48 -12.31
N ASN B 92 12.27 7.77 -12.77
CA ASN B 92 11.18 8.24 -11.90
C ASN B 92 9.97 7.36 -12.05
N THR B 93 10.13 6.26 -12.78
CA THR B 93 9.03 5.36 -13.06
C THR B 93 9.47 3.92 -13.13
N ILE B 94 8.76 3.04 -12.43
CA ILE B 94 9.08 1.63 -12.50
C ILE B 94 7.77 0.94 -12.80
N VAL B 95 7.85 -0.01 -13.72
CA VAL B 95 6.70 -0.79 -14.13
C VAL B 95 7.02 -2.27 -13.89
N ASN B 96 6.14 -2.95 -13.19
CA ASN B 96 6.35 -4.34 -12.85
C ASN B 96 5.53 -5.23 -13.76
N ASP B 97 6.20 -6.00 -14.60
CA ASP B 97 5.52 -6.93 -15.50
C ASP B 97 5.74 -8.37 -15.03
N ASP B 98 5.05 -8.74 -13.95
CA ASP B 98 5.14 -10.09 -13.38
C ASP B 98 6.49 -10.40 -12.74
N GLY B 99 7.09 -9.45 -12.05
CA GLY B 99 8.37 -9.73 -11.43
C GLY B 99 9.55 -9.11 -12.15
N TYR B 100 9.36 -8.76 -13.42
CA TYR B 100 10.41 -8.17 -14.26
C TYR B 100 10.14 -6.66 -14.25
N LEU B 101 11.10 -5.87 -13.78
CA LEU B 101 10.89 -4.44 -13.65
C LEU B 101 11.59 -3.60 -14.71
N ARG B 102 10.85 -2.65 -15.27
CA ARG B 102 11.33 -1.74 -16.31
C ARG B 102 11.35 -0.30 -15.82
N GLY B 103 12.43 0.42 -16.12
CA GLY B 103 12.51 1.78 -15.70
C GLY B 103 12.44 2.82 -16.81
N TYR B 104 11.82 3.95 -16.51
CA TYR B 104 11.70 5.05 -17.45
C TYR B 104 11.88 6.36 -16.73
N ASN B 105 12.25 7.38 -17.49
CA ASN B 105 12.40 8.71 -16.95
C ASN B 105 11.44 9.60 -17.74
N THR B 106 10.20 9.69 -17.26
CA THR B 106 9.20 10.50 -17.91
C THR B 106 9.39 11.99 -17.75
N ASP B 107 10.40 12.44 -17.02
CA ASP B 107 10.58 13.89 -16.90
C ASP B 107 11.04 14.44 -18.24
N GLY B 108 11.95 13.71 -18.87
CA GLY B 108 12.49 14.11 -20.16
C GLY B 108 11.50 14.02 -21.30
N THR B 109 10.77 12.92 -21.37
CA THR B 109 9.79 12.77 -22.44
C THR B 109 8.67 13.75 -22.22
N GLY B 110 8.37 14.01 -20.95
CA GLY B 110 7.30 14.93 -20.62
C GLY B 110 7.61 16.35 -21.00
N HIS B 111 8.82 16.82 -20.72
CA HIS B 111 9.20 18.19 -21.05
C HIS B 111 9.24 18.41 -22.56
N ILE B 112 9.89 17.49 -23.27
CA ILE B 112 10.04 17.53 -24.71
C ILE B 112 8.64 17.54 -25.36
N ARG B 113 7.77 16.67 -24.85
CA ARG B 113 6.39 16.57 -25.32
C ARG B 113 5.68 17.91 -25.21
N ALA B 114 5.83 18.56 -24.05
CA ALA B 114 5.20 19.85 -23.78
C ALA B 114 5.66 20.92 -24.75
N ILE B 115 6.91 20.78 -25.21
CA ILE B 115 7.49 21.72 -26.14
C ILE B 115 6.93 21.43 -27.52
N LYS B 116 6.83 20.14 -27.86
CA LYS B 116 6.30 19.73 -29.15
C LYS B 116 4.81 20.00 -29.28
N GLU B 117 4.12 19.98 -28.15
CA GLU B 117 2.68 20.22 -28.10
C GLU B 117 2.36 21.69 -28.44
N SER B 118 3.36 22.56 -28.34
CA SER B 118 3.15 23.98 -28.63
C SER B 118 3.35 24.32 -30.10
N GLY B 119 4.00 23.43 -30.84
CA GLY B 119 4.22 23.69 -32.24
C GLY B 119 5.69 23.83 -32.58
N PHE B 120 6.53 23.61 -31.58
CA PHE B 120 7.97 23.70 -31.72
C PHE B 120 8.60 22.38 -32.14
N ASP B 121 9.62 22.45 -32.99
CA ASP B 121 10.30 21.25 -33.48
C ASP B 121 11.75 21.33 -33.05
N ILE B 122 12.09 20.62 -31.97
CA ILE B 122 13.45 20.63 -31.44
C ILE B 122 14.52 20.08 -32.41
N LYS B 123 14.11 19.30 -33.41
CA LYS B 123 15.09 18.70 -34.31
C LYS B 123 16.09 19.68 -34.91
N GLY B 124 17.36 19.25 -34.93
CA GLY B 124 18.43 20.06 -35.47
C GLY B 124 18.59 21.42 -34.79
N LYS B 125 18.07 21.55 -33.57
CA LYS B 125 18.17 22.81 -32.90
C LYS B 125 19.30 22.94 -31.92
N THR B 126 19.37 24.13 -31.35
CA THR B 126 20.39 24.53 -30.39
C THR B 126 19.72 25.00 -29.09
N MSE B 127 20.00 24.29 -27.99
CA MSE B 127 19.39 24.62 -26.69
C MSE B 127 20.36 25.13 -25.64
O MSE B 127 21.51 24.69 -25.55
CB MSE B 127 18.66 23.39 -26.13
CG MSE B 127 18.35 23.42 -24.61
SE MSE B 127 17.54 21.78 -23.80
CE MSE B 127 15.77 22.46 -23.63
N VAL B 128 19.88 26.08 -24.84
CA VAL B 128 20.68 26.61 -23.74
C VAL B 128 20.01 26.14 -22.44
N LEU B 129 20.65 25.14 -21.85
CA LEU B 129 20.20 24.48 -20.63
C LEU B 129 20.96 24.86 -19.35
N LEU B 130 20.25 25.45 -18.40
CA LEU B 130 20.91 25.81 -17.14
C LEU B 130 20.72 24.70 -16.12
N GLY B 131 21.81 24.21 -15.54
CA GLY B 131 21.70 23.18 -14.51
C GLY B 131 22.19 21.84 -14.93
N ALA B 132 22.29 20.92 -13.98
CA ALA B 132 22.75 19.57 -14.28
C ALA B 132 22.26 18.60 -13.21
N GLY B 133 21.13 18.95 -12.60
CA GLY B 133 20.53 18.12 -11.56
C GLY B 133 19.70 17.01 -12.17
N GLY B 134 18.59 16.67 -11.53
CA GLY B 134 17.73 15.62 -12.05
C GLY B 134 16.87 15.94 -13.27
N ALA B 135 16.28 17.14 -13.31
CA ALA B 135 15.42 17.56 -14.41
C ALA B 135 16.22 17.92 -15.65
N SER B 136 17.24 18.74 -15.47
CA SER B 136 18.07 19.16 -16.60
C SER B 136 18.67 17.98 -17.39
N THR B 137 19.28 17.02 -16.71
CA THR B 137 19.85 15.86 -17.40
C THR B 137 18.74 15.07 -18.10
N ALA B 138 17.56 15.04 -17.51
CA ALA B 138 16.45 14.32 -18.12
C ALA B 138 16.07 14.98 -19.45
N ILE B 139 15.90 16.31 -19.43
CA ILE B 139 15.53 17.06 -20.63
C ILE B 139 16.61 16.94 -21.69
N GLY B 140 17.85 17.16 -21.27
CA GLY B 140 18.97 17.08 -22.19
C GLY B 140 19.15 15.75 -22.88
N ALA B 141 18.99 14.66 -22.16
CA ALA B 141 19.17 13.38 -22.80
C ALA B 141 18.04 13.12 -23.77
N GLN B 142 16.81 13.34 -23.33
CA GLN B 142 15.66 13.10 -24.17
C GLN B 142 15.71 14.02 -25.40
N GLY B 143 16.07 15.28 -25.19
CA GLY B 143 16.15 16.23 -26.29
C GLY B 143 17.13 15.79 -27.37
N ALA B 144 18.28 15.30 -26.93
CA ALA B 144 19.35 14.85 -27.81
C ALA B 144 18.92 13.60 -28.58
N ILE B 145 18.32 12.67 -27.87
CA ILE B 145 17.86 11.44 -28.48
C ILE B 145 16.84 11.83 -29.56
N GLU B 146 16.05 12.84 -29.29
CA GLU B 146 15.03 13.27 -30.24
C GLU B 146 15.45 14.37 -31.22
N GLY B 147 16.71 14.33 -31.65
CA GLY B 147 17.18 15.28 -32.65
C GLY B 147 17.70 16.67 -32.35
N LEU B 148 18.03 16.97 -31.10
CA LEU B 148 18.53 18.30 -30.78
C LEU B 148 19.92 18.34 -31.40
N LYS B 149 20.28 19.47 -32.01
CA LYS B 149 21.63 19.54 -32.59
C LYS B 149 22.69 19.98 -31.55
N GLU B 150 22.35 20.98 -30.77
CA GLU B 150 23.29 21.50 -29.78
C GLU B 150 22.63 21.85 -28.46
N ILE B 151 23.31 21.42 -27.40
CA ILE B 151 22.89 21.72 -26.04
C ILE B 151 24.06 22.42 -25.35
N LYS B 152 23.92 23.71 -25.14
CA LYS B 152 24.98 24.46 -24.47
C LYS B 152 24.54 24.50 -23.00
N LEU B 153 25.16 23.65 -22.20
CA LEU B 153 24.83 23.50 -20.79
C LEU B 153 25.61 24.39 -19.83
N PHE B 154 24.89 25.14 -19.01
CA PHE B 154 25.52 26.01 -18.03
C PHE B 154 25.21 25.53 -16.63
N ASN B 155 26.14 25.75 -15.71
CA ASN B 155 25.93 25.31 -14.35
C ASN B 155 27.05 25.84 -13.48
N ARG B 156 26.66 26.53 -12.40
CA ARG B 156 27.59 27.09 -11.43
C ARG B 156 28.57 26.03 -10.95
N ARG B 157 29.74 26.49 -10.52
CA ARG B 157 30.75 25.58 -10.05
C ARG B 157 30.41 24.98 -8.69
N ASP B 158 29.58 23.93 -8.70
CA ASP B 158 29.24 23.26 -7.47
C ASP B 158 29.38 21.74 -7.66
N GLU B 159 28.73 20.96 -6.81
CA GLU B 159 28.83 19.51 -6.89
C GLU B 159 28.29 18.94 -8.20
N PHE B 160 27.38 19.68 -8.83
CA PHE B 160 26.79 19.20 -10.05
C PHE B 160 27.67 19.41 -11.26
N PHE B 161 28.59 20.37 -11.19
CA PHE B 161 29.45 20.64 -12.34
C PHE B 161 30.14 19.42 -12.91
N ASP B 162 30.82 18.67 -12.05
CA ASP B 162 31.52 17.47 -12.50
C ASP B 162 30.48 16.55 -13.15
N LYS B 163 29.34 16.42 -12.50
CA LYS B 163 28.26 15.59 -13.01
C LYS B 163 27.78 16.09 -14.37
N ALA B 164 27.85 17.40 -14.59
CA ALA B 164 27.43 17.99 -15.86
C ALA B 164 28.43 17.61 -16.95
N LEU B 165 29.70 17.48 -16.57
CA LEU B 165 30.70 17.13 -17.53
C LEU B 165 30.58 15.69 -17.95
N ALA B 166 30.39 14.79 -17.01
CA ALA B 166 30.26 13.37 -17.34
C ALA B 166 28.96 13.07 -18.09
N PHE B 167 27.98 13.95 -17.91
CA PHE B 167 26.70 13.77 -18.59
C PHE B 167 26.92 14.14 -20.06
N ALA B 168 27.62 15.25 -20.30
CA ALA B 168 27.91 15.72 -21.66
C ALA B 168 28.68 14.65 -22.43
N GLN B 169 29.68 14.06 -21.79
CA GLN B 169 30.48 13.03 -22.42
C GLN B 169 29.64 11.81 -22.77
N ARG B 170 28.73 11.46 -21.86
CA ARG B 170 27.88 10.29 -22.07
C ARG B 170 26.96 10.54 -23.30
N VAL B 171 26.42 11.74 -23.40
CA VAL B 171 25.53 12.09 -24.50
C VAL B 171 26.33 12.22 -25.80
N ASN B 172 27.45 12.92 -25.73
CA ASN B 172 28.30 13.13 -26.90
C ASN B 172 28.78 11.82 -27.53
N GLU B 173 28.86 10.78 -26.71
CA GLU B 173 29.33 9.46 -27.13
C GLU B 173 28.24 8.50 -27.65
N ASN B 174 26.98 8.79 -27.33
CA ASN B 174 25.91 7.89 -27.76
C ASN B 174 24.80 8.62 -28.51
N THR B 175 25.11 9.83 -28.98
CA THR B 175 24.14 10.67 -29.68
C THR B 175 24.83 11.38 -30.85
N ASP B 176 24.12 12.28 -31.52
CA ASP B 176 24.67 13.07 -32.61
C ASP B 176 24.52 14.54 -32.19
N CYS B 177 24.02 14.72 -30.97
CA CYS B 177 23.86 16.06 -30.39
C CYS B 177 25.25 16.45 -29.93
N VAL B 178 25.49 17.75 -29.82
CA VAL B 178 26.77 18.25 -29.33
C VAL B 178 26.50 19.05 -28.04
N VAL B 179 26.98 18.50 -26.93
CA VAL B 179 26.79 19.10 -25.60
C VAL B 179 28.06 19.72 -25.04
N THR B 180 27.97 20.95 -24.59
CA THR B 180 29.11 21.65 -24.01
C THR B 180 28.78 22.10 -22.58
N VAL B 181 29.81 22.22 -21.75
CA VAL B 181 29.66 22.66 -20.36
C VAL B 181 30.48 23.92 -20.10
N THR B 182 29.79 24.98 -19.72
CA THR B 182 30.40 26.28 -19.46
C THR B 182 29.98 26.79 -18.08
N ASP B 183 30.85 27.56 -17.43
CA ASP B 183 30.55 28.06 -16.09
C ASP B 183 29.60 29.24 -16.14
N LEU B 184 28.60 29.19 -15.26
CA LEU B 184 27.59 30.22 -15.16
C LEU B 184 28.16 31.61 -14.83
N ALA B 185 29.47 31.67 -14.57
CA ALA B 185 30.14 32.93 -14.24
C ALA B 185 30.73 33.59 -15.48
N ASP B 186 30.87 32.84 -16.56
CA ASP B 186 31.37 33.37 -17.82
C ASP B 186 30.20 34.17 -18.34
N GLN B 187 29.86 35.27 -17.65
CA GLN B 187 28.76 36.18 -18.02
C GLN B 187 28.79 36.40 -19.53
N GLN B 188 30.00 36.28 -20.08
CA GLN B 188 30.29 36.44 -21.50
C GLN B 188 29.71 35.32 -22.35
N ALA B 189 30.23 34.10 -22.19
CA ALA B 189 29.76 32.94 -22.92
C ALA B 189 28.23 32.85 -22.87
N PHE B 190 27.67 33.13 -21.70
CA PHE B 190 26.24 33.09 -21.48
C PHE B 190 25.57 34.06 -22.42
N ALA B 191 26.01 35.32 -22.40
CA ALA B 191 25.45 36.37 -23.25
C ALA B 191 25.31 35.90 -24.70
N GLU B 192 26.38 35.30 -25.20
CA GLU B 192 26.44 34.80 -26.56
C GLU B 192 25.56 33.57 -26.73
N ALA B 193 26.10 32.44 -26.27
CA ALA B 193 25.43 31.15 -26.36
C ALA B 193 23.94 31.30 -26.19
N LEU B 194 23.54 32.24 -25.30
CA LEU B 194 22.14 32.48 -24.98
C LEU B 194 21.42 33.10 -26.15
N ALA B 195 22.01 34.14 -26.69
CA ALA B 195 21.43 34.87 -27.80
C ALA B 195 21.77 34.26 -29.18
N SER B 196 22.20 33.01 -29.22
CA SER B 196 22.52 32.31 -30.46
C SER B 196 21.81 30.99 -30.38
N ALA B 197 20.88 30.92 -29.43
CA ALA B 197 20.13 29.69 -29.20
C ALA B 197 18.65 29.90 -29.49
N ASP B 198 17.96 28.77 -29.72
CA ASP B 198 16.54 28.72 -30.03
C ASP B 198 15.73 28.48 -28.76
N ILE B 199 16.29 27.65 -27.87
CA ILE B 199 15.62 27.33 -26.62
C ILE B 199 16.42 27.62 -25.36
N LEU B 200 15.79 28.31 -24.42
CA LEU B 200 16.41 28.61 -23.13
C LEU B 200 15.66 27.77 -22.10
N THR B 201 16.34 26.79 -21.51
CA THR B 201 15.71 25.92 -20.51
C THR B 201 16.34 25.98 -19.11
N ASN B 202 15.52 26.32 -18.11
CA ASN B 202 15.98 26.39 -16.73
C ASN B 202 15.61 25.18 -15.88
N GLY B 203 16.59 24.35 -15.59
CA GLY B 203 16.35 23.18 -14.78
C GLY B 203 17.00 23.33 -13.41
N THR B 204 17.20 24.58 -12.95
CA THR B 204 17.84 24.80 -11.65
C THR B 204 16.77 25.22 -10.67
N LYS B 205 17.14 25.40 -9.40
CA LYS B 205 16.18 25.78 -8.37
C LYS B 205 15.98 27.26 -8.31
N VAL B 206 16.77 27.98 -9.07
CA VAL B 206 16.65 29.41 -9.07
C VAL B 206 15.28 29.72 -9.63
N GLY B 207 14.50 30.50 -8.88
CA GLY B 207 13.17 30.84 -9.33
C GLY B 207 12.11 30.33 -8.38
N MSE B 208 12.39 29.20 -7.71
CA MSE B 208 11.49 28.56 -6.75
C MSE B 208 11.91 28.96 -5.34
O MSE B 208 13.10 29.19 -5.12
CB MSE B 208 11.54 27.01 -6.91
CG MSE B 208 11.08 26.17 -5.70
SE MSE B 208 11.27 24.21 -5.89
CE MSE B 208 13.12 23.95 -5.44
N LYS B 209 10.97 29.08 -4.43
CA LYS B 209 11.24 29.46 -3.04
C LYS B 209 12.33 28.54 -2.48
N PRO B 210 13.21 29.07 -1.62
CA PRO B 210 13.26 30.45 -1.14
C PRO B 210 13.96 31.41 -2.09
N LEU B 211 14.18 30.96 -3.32
CA LEU B 211 14.85 31.78 -4.31
C LEU B 211 13.86 32.27 -5.37
N GLU B 212 12.75 32.85 -4.92
CA GLU B 212 11.72 33.32 -5.84
C GLU B 212 11.96 34.65 -6.56
N ASN B 213 12.46 35.67 -5.86
CA ASN B 213 12.67 36.95 -6.54
C ASN B 213 13.98 36.95 -7.31
N GLU B 214 14.39 35.78 -7.76
CA GLU B 214 15.64 35.62 -8.50
C GLU B 214 15.51 34.93 -9.85
N SER B 215 16.30 35.39 -10.81
CA SER B 215 16.32 34.80 -12.13
C SER B 215 17.78 34.69 -12.53
N LEU B 216 18.09 33.74 -13.42
CA LEU B 216 19.47 33.55 -13.85
C LEU B 216 19.89 34.46 -15.00
N VAL B 217 19.01 35.38 -15.40
CA VAL B 217 19.31 36.33 -16.48
C VAL B 217 19.14 37.77 -15.99
N ASN B 218 20.24 38.53 -15.99
CA ASN B 218 20.25 39.94 -15.57
C ASN B 218 19.59 40.80 -16.64
N ASP B 219 20.17 40.76 -17.84
CA ASP B 219 19.71 41.52 -18.98
C ASP B 219 18.45 40.95 -19.62
N ILE B 220 17.47 41.80 -19.90
CA ILE B 220 16.25 41.38 -20.55
C ILE B 220 16.56 41.42 -22.04
N SER B 221 17.71 42.02 -22.33
CA SER B 221 18.20 42.19 -23.69
C SER B 221 19.12 41.04 -24.11
N LEU B 222 18.82 39.84 -23.61
CA LEU B 222 19.61 38.68 -23.94
C LEU B 222 18.66 37.62 -24.48
N LEU B 223 17.45 38.07 -24.82
CA LEU B 223 16.40 37.21 -25.36
C LEU B 223 15.79 37.81 -26.64
N HIS B 224 15.93 37.15 -27.80
CA HIS B 224 15.31 37.70 -29.01
C HIS B 224 13.79 37.55 -28.88
N PRO B 225 13.01 37.97 -29.89
CA PRO B 225 11.54 37.88 -29.80
C PRO B 225 10.93 36.49 -29.58
N GLY B 226 10.69 35.76 -30.66
CA GLY B 226 10.12 34.43 -30.57
C GLY B 226 11.07 33.37 -30.05
N LEU B 227 11.54 33.56 -28.82
CA LEU B 227 12.46 32.59 -28.22
C LEU B 227 11.70 31.71 -27.26
N LEU B 228 12.11 30.44 -27.22
CA LEU B 228 11.45 29.52 -26.33
C LEU B 228 12.20 29.47 -25.00
N VAL B 229 11.50 29.89 -23.95
CA VAL B 229 12.01 29.87 -22.60
C VAL B 229 11.11 28.92 -21.83
N THR B 230 11.70 27.85 -21.32
CA THR B 230 10.97 26.84 -20.58
C THR B 230 11.42 26.79 -19.12
N GLU B 231 10.46 26.77 -18.21
CA GLU B 231 10.78 26.74 -16.82
C GLU B 231 10.30 25.42 -16.20
N CYS B 232 11.18 24.68 -15.52
CA CYS B 232 10.75 23.42 -14.86
C CYS B 232 10.04 23.76 -13.53
N VAL B 233 10.39 24.89 -12.93
CA VAL B 233 9.78 25.34 -11.67
C VAL B 233 8.29 25.59 -11.86
N TYR B 234 7.46 24.97 -11.02
CA TYR B 234 6.01 25.19 -11.10
C TYR B 234 5.43 25.82 -9.85
N ASN B 235 6.20 26.71 -9.23
CA ASN B 235 5.76 27.43 -8.05
C ASN B 235 6.91 28.27 -7.51
N PRO B 236 6.79 29.59 -7.63
CA PRO B 236 5.59 30.16 -8.25
C PRO B 236 5.38 29.79 -9.71
N HIS B 237 4.11 29.67 -10.06
CA HIS B 237 3.70 29.33 -11.42
C HIS B 237 4.32 30.34 -12.38
N MSE B 238 4.29 31.62 -12.01
CA MSE B 238 4.88 32.66 -12.84
C MSE B 238 6.21 33.10 -12.24
O MSE B 238 6.26 34.07 -11.48
CB MSE B 238 3.94 33.86 -12.94
CG MSE B 238 3.04 33.81 -14.16
SE MSE B 238 4.05 33.50 -15.80
CE MSE B 238 4.69 35.28 -16.11
N THR B 239 7.27 32.39 -12.57
CA THR B 239 8.59 32.72 -12.04
C THR B 239 9.03 34.03 -12.68
N LYS B 240 10.21 34.51 -12.31
CA LYS B 240 10.74 35.75 -12.86
C LYS B 240 11.36 35.54 -14.22
N LEU B 241 12.01 34.39 -14.41
CA LEU B 241 12.62 34.08 -15.69
C LEU B 241 11.52 34.02 -16.72
N LEU B 242 10.32 33.67 -16.27
CA LEU B 242 9.17 33.57 -17.15
C LEU B 242 8.58 34.95 -17.38
N GLN B 243 8.60 35.80 -16.37
CA GLN B 243 8.10 37.16 -16.50
C GLN B 243 9.01 37.91 -17.46
N GLN B 244 10.31 37.67 -17.35
CA GLN B 244 11.28 38.32 -18.23
C GLN B 244 11.03 37.87 -19.66
N ALA B 245 10.67 36.60 -19.82
CA ALA B 245 10.40 36.03 -21.14
C ALA B 245 9.23 36.76 -21.76
N GLN B 246 8.29 37.18 -20.91
CA GLN B 246 7.12 37.91 -21.34
C GLN B 246 7.41 39.37 -21.70
N GLN B 247 8.66 39.78 -21.52
CA GLN B 247 9.06 41.16 -21.79
C GLN B 247 9.90 41.29 -23.05
N ALA B 248 10.02 40.21 -23.82
CA ALA B 248 10.81 40.23 -25.04
C ALA B 248 10.04 39.58 -26.18
N GLY B 249 8.73 39.50 -26.02
CA GLY B 249 7.87 38.91 -27.03
C GLY B 249 8.10 37.43 -27.20
N CYS B 250 8.66 36.81 -26.18
CA CYS B 250 8.97 35.40 -26.19
C CYS B 250 7.86 34.44 -25.80
N LYS B 251 7.96 33.24 -26.32
CA LYS B 251 7.00 32.21 -26.04
C LYS B 251 7.52 31.43 -24.86
N THR B 252 6.61 31.13 -23.93
CA THR B 252 6.95 30.44 -22.72
C THR B 252 6.23 29.11 -22.50
N ILE B 253 6.96 28.17 -21.92
CA ILE B 253 6.45 26.86 -21.57
C ILE B 253 6.62 26.72 -20.04
N ASP B 254 5.46 26.61 -19.38
CA ASP B 254 5.33 26.51 -17.94
C ASP B 254 5.83 25.23 -17.29
N GLY B 255 5.81 25.22 -15.96
CA GLY B 255 6.23 24.03 -15.26
C GLY B 255 5.12 23.02 -15.29
N TYR B 256 3.88 23.51 -15.41
CA TYR B 256 2.67 22.70 -15.46
C TYR B 256 2.62 21.83 -16.72
N GLY B 257 3.18 22.36 -17.80
CA GLY B 257 3.23 21.63 -19.05
C GLY B 257 4.06 20.38 -18.86
N MSE B 258 5.15 20.55 -18.13
CA MSE B 258 6.04 19.44 -17.82
C MSE B 258 5.33 18.46 -16.87
O MSE B 258 5.18 17.26 -17.16
CB MSE B 258 7.32 19.98 -17.19
CG MSE B 258 8.50 19.01 -17.21
SE MSE B 258 10.10 19.72 -16.38
CE MSE B 258 10.96 18.05 -15.85
N LEU B 259 4.86 19.00 -15.76
CA LEU B 259 4.19 18.24 -14.73
C LEU B 259 3.06 17.39 -15.27
N LEU B 260 2.23 18.01 -16.11
CA LEU B 260 1.09 17.32 -16.68
C LEU B 260 1.43 16.19 -17.63
N TRP B 261 2.43 16.39 -18.48
CA TRP B 261 2.78 15.33 -19.40
C TRP B 261 3.62 14.25 -18.78
N GLN B 262 4.41 14.59 -17.78
CA GLN B 262 5.22 13.59 -17.10
C GLN B 262 4.25 12.59 -16.43
N GLY B 263 3.17 13.12 -15.86
CA GLY B 263 2.16 12.32 -15.20
C GLY B 263 1.38 11.48 -16.19
N ALA B 264 0.98 12.10 -17.29
CA ALA B 264 0.23 11.42 -18.34
C ALA B 264 0.97 10.15 -18.77
N GLU B 265 2.26 10.31 -19.05
CA GLU B 265 3.08 9.19 -19.47
C GLU B 265 3.17 8.06 -18.46
N GLN B 266 3.35 8.38 -17.17
CA GLN B 266 3.41 7.33 -16.15
C GLN B 266 2.05 6.64 -16.11
N PHE B 267 1.01 7.45 -16.18
CA PHE B 267 -0.36 6.94 -16.14
C PHE B 267 -0.61 5.91 -17.23
N THR B 268 -0.24 6.22 -18.46
CA THR B 268 -0.43 5.31 -19.58
C THR B 268 0.40 4.04 -19.40
N LEU B 269 1.65 4.23 -18.98
CA LEU B 269 2.57 3.13 -18.75
C LEU B 269 2.04 2.08 -17.75
N TRP B 270 1.35 2.51 -16.70
CA TRP B 270 0.84 1.58 -15.70
C TRP B 270 -0.56 1.07 -16.06
N THR B 271 -1.29 1.97 -16.70
CA THR B 271 -2.68 1.83 -17.05
C THR B 271 -3.04 1.34 -18.45
N GLY B 272 -2.23 1.74 -19.43
CA GLY B 272 -2.50 1.35 -20.80
C GLY B 272 -3.52 2.29 -21.42
N LYS B 273 -4.09 3.19 -20.61
CA LYS B 273 -5.08 4.16 -21.07
C LYS B 273 -4.50 5.56 -21.23
N ASP B 274 -5.36 6.45 -21.71
CA ASP B 274 -5.04 7.85 -21.96
C ASP B 274 -5.32 8.70 -20.75
N PHE B 275 -4.35 9.53 -20.42
CA PHE B 275 -4.47 10.39 -19.27
C PHE B 275 -5.47 11.51 -19.52
N PRO B 276 -6.48 11.68 -18.65
CA PRO B 276 -7.46 12.77 -18.85
C PRO B 276 -6.78 14.11 -18.57
N LEU B 277 -5.85 14.51 -19.44
CA LEU B 277 -5.07 15.71 -19.20
C LEU B 277 -5.81 16.99 -18.95
N GLU B 278 -6.79 17.32 -19.79
CA GLU B 278 -7.52 18.56 -19.55
C GLU B 278 -8.28 18.50 -18.23
N TYR B 279 -8.91 17.35 -17.97
CA TYR B 279 -9.64 17.18 -16.72
C TYR B 279 -8.73 17.42 -15.50
N VAL B 280 -7.59 16.72 -15.40
CA VAL B 280 -6.70 16.89 -14.24
C VAL B 280 -6.15 18.30 -14.13
N LYS B 281 -5.99 18.97 -15.27
CA LYS B 281 -5.49 20.34 -15.31
C LYS B 281 -6.46 21.29 -14.58
N GLN B 282 -7.76 21.10 -14.76
CA GLN B 282 -8.75 21.95 -14.09
C GLN B 282 -8.96 21.54 -12.64
N VAL B 283 -8.93 20.24 -12.41
CA VAL B 283 -9.12 19.73 -11.05
C VAL B 283 -7.96 20.19 -10.19
N MSE B 284 -6.76 20.21 -10.78
CA MSE B 284 -5.59 20.66 -10.04
C MSE B 284 -5.52 22.19 -9.94
O MSE B 284 -4.71 22.74 -9.20
CB MSE B 284 -4.31 20.12 -10.69
CG MSE B 284 -4.15 18.60 -10.60
SE MSE B 284 -4.38 17.90 -8.82
CE MSE B 284 -2.61 18.20 -8.12
N GLY B 285 -6.38 22.87 -10.69
CA GLY B 285 -6.39 24.32 -10.65
C GLY B 285 -5.21 24.98 -11.34
N PHE B 286 -5.08 24.76 -12.64
CA PHE B 286 -4.00 25.34 -13.40
C PHE B 286 -4.58 26.34 -14.39
N GLY B 287 -5.25 27.29 -13.94
PA NAI C . -10.21 -25.21 9.79
O1A NAI C . -8.88 -24.90 10.37
O2A NAI C . -10.10 -26.02 8.56
O5B NAI C . -10.97 -25.89 10.99
C5B NAI C . -12.20 -26.67 10.83
C4B NAI C . -12.35 -27.54 12.08
O4B NAI C . -13.58 -28.28 11.88
C3B NAI C . -11.24 -28.59 12.26
O3B NAI C . -10.54 -28.38 13.49
C2B NAI C . -12.00 -29.95 12.13
O2B NAI C . -11.58 -30.93 13.14
C1B NAI C . -13.47 -29.60 12.27
N9A NAI C . -14.31 -30.33 11.35
C8A NAI C . -14.42 -30.19 9.99
N7A NAI C . -15.33 -31.01 9.41
C5A NAI C . -15.81 -31.73 10.52
C6A NAI C . -16.82 -32.77 10.62
N6A NAI C . -17.49 -33.24 9.56
N1A NAI C . -17.06 -33.27 11.89
C2A NAI C . -16.37 -32.77 12.99
N3A NAI C . -15.43 -31.81 12.98
C4A NAI C . -15.20 -31.32 11.72
O3 NAI C . -11.05 -23.93 9.49
PN NAI C . -11.48 -22.69 10.40
O1N NAI C . -10.79 -21.52 9.77
O2N NAI C . -11.01 -22.93 11.79
O5D NAI C . -13.03 -22.38 10.22
C5D NAI C . -14.01 -22.94 11.13
C4D NAI C . -15.40 -22.39 10.78
O4D NAI C . -15.50 -21.06 11.42
C3D NAI C . -15.69 -22.17 9.30
O3D NAI C . -17.04 -22.51 8.93
C2D NAI C . -15.40 -20.68 9.10
O2D NAI C . -16.14 -20.17 7.96
C1D NAI C . -15.81 -20.09 10.45
N1N NAI C . -15.12 -18.80 10.80
C2N NAI C . -15.99 -17.76 11.11
C3N NAI C . -15.42 -16.53 11.45
C7N NAI C . -16.26 -15.30 11.82
O7N NAI C . -15.70 -14.26 12.12
N7N NAI C . -17.62 -15.37 11.84
C4N NAI C . -13.96 -16.34 11.50
C5N NAI C . -13.19 -17.49 11.15
C6N NAI C . -13.68 -18.73 10.80
P PO4 D . -9.52 -15.41 9.32
O1 PO4 D . -8.62 -15.85 10.51
O2 PO4 D . -8.85 -15.80 8.00
O3 PO4 D . -10.92 -16.06 9.37
O4 PO4 D . -9.65 -13.83 9.43
P PO4 E . -2.85 -21.41 8.07
O1 PO4 E . -4.35 -21.73 7.93
O2 PO4 E . -2.35 -21.64 9.51
O3 PO4 E . -2.01 -22.26 7.09
O4 PO4 E . -2.67 -19.88 7.74
P PO4 F . 12.76 -6.52 22.44
O1 PO4 F . 13.64 -7.19 23.50
O2 PO4 F . 13.54 -6.29 21.14
O3 PO4 F . 11.50 -7.35 22.15
O4 PO4 F . 12.36 -5.09 22.99
PA NAI G . 18.56 19.15 -8.12
O1A NAI G . 19.08 17.84 -8.48
O2A NAI G . 18.86 19.50 -6.72
O5B NAI G . 19.19 20.15 -9.18
C5B NAI G . 19.26 21.57 -8.85
C4B NAI G . 20.20 22.27 -9.81
O4B NAI G . 20.12 23.61 -9.35
C3B NAI G . 21.71 21.92 -9.69
O3B NAI G . 22.24 21.57 -10.97
C2B NAI G . 22.32 23.21 -9.09
O2B NAI G . 23.62 23.51 -9.63
C1B NAI G . 21.34 24.25 -9.48
N9A NAI G . 21.34 25.34 -8.54
C8A NAI G . 20.86 25.35 -7.26
N7A NAI G . 21.00 26.54 -6.65
C5A NAI G . 21.60 27.31 -7.63
C6A NAI G . 22.01 28.69 -7.63
N6A NAI G . 21.86 29.49 -6.57
N1A NAI G . 22.59 29.16 -8.80
C2A NAI G . 22.75 28.31 -9.89
N3A NAI G . 22.40 27.04 -9.98
C4A NAI G . 21.83 26.60 -8.81
O3 NAI G . 17.01 19.20 -8.35
PN NAI G . 16.05 18.92 -9.62
O1N NAI G . 15.31 17.69 -9.18
O2N NAI G . 16.86 18.65 -10.81
O5D NAI G . 14.97 20.05 -9.74
C5D NAI G . 15.31 21.31 -10.33
C4D NAI G . 14.04 22.14 -10.38
O4D NAI G . 13.16 21.56 -11.39
C3D NAI G . 13.23 22.25 -9.07
O3D NAI G . 12.78 23.59 -8.79
C2D NAI G . 12.07 21.27 -9.30
O2D NAI G . 10.90 21.67 -8.55
C1D NAI G . 11.89 21.32 -10.82
N1N NAI G . 11.28 20.05 -11.38
C2N NAI G . 10.03 20.24 -11.99
C3N NAI G . 9.42 19.10 -12.53
C7N NAI G . 8.06 19.17 -13.22
O7N NAI G . 7.59 18.13 -13.66
N7N NAI G . 7.40 20.34 -13.36
C4N NAI G . 10.05 17.77 -12.48
C5N NAI G . 11.32 17.72 -11.84
C6N NAI G . 11.98 18.80 -11.27
P PO4 H . 10.49 14.16 -10.00
O1 PO4 H . 11.50 13.47 -10.94
O2 PO4 H . 10.65 13.62 -8.59
O3 PO4 H . 10.68 15.69 -9.96
O4 PO4 H . 9.05 13.78 -10.56
P PO4 I . 18.13 11.66 -6.88
O1 PO4 I . 18.05 12.76 -7.98
O2 PO4 I . 18.90 10.42 -7.39
O3 PO4 I . 18.81 12.20 -5.61
O4 PO4 I . 16.65 11.22 -6.55
#